data_4LAR
#
_entry.id   4LAR
#
_cell.length_a   34.545
_cell.length_b   65.227
_cell.length_c   48.593
_cell.angle_alpha   90.00
_cell.angle_beta   98.70
_cell.angle_gamma   90.00
#
_symmetry.space_group_name_H-M   'P 1 21 1'
#
loop_
_entity.id
_entity.type
_entity.pdbx_description
1 polymer 'Single chain antibody fragment scFv6H4'
2 non-polymer (2S)-1-phenylpropan-2-amine
3 water water
#
_entity_poly.entity_id   1
_entity_poly.type   'polypeptide(L)'
_entity_poly.pdbx_seq_one_letter_code
;EVQLQESGPSLVKPSQTLSLTCSVTGDSVTSGYWSWIRQFPGNKLDYMGYISYRGSTYYNPSLKSRISITRDTSKNQVYL
QLKSVSSEDTATYYCSYFDSDDYAMEYWGQGTSVTVSGGGGSGGGGSGGGGSQIVLTQSPAIMSASPGEKVTLTCSASSS
VSSSHLYWYQQKPGSSPKLWIYSTSNLASGVPARFSGSGSGTSYSLTISSMEAEDAASYFCHQWSSFPFTFGSGTKLEIK
RAPHHHHHH
;
_entity_poly.pdbx_strand_id   H
#
# COMPACT_ATOMS: atom_id res chain seq x y z
N GLU A 1 16.00 -2.43 8.79
CA GLU A 1 17.31 -2.24 8.05
C GLU A 1 17.24 -1.26 6.84
N VAL A 2 16.03 -0.83 6.45
CA VAL A 2 15.83 0.12 5.34
C VAL A 2 14.82 1.27 5.63
N GLN A 3 15.29 2.49 5.42
CA GLN A 3 14.46 3.70 5.54
C GLN A 3 14.33 4.38 4.18
N LEU A 4 13.12 4.80 3.86
CA LEU A 4 12.79 5.41 2.59
C LEU A 4 12.26 6.79 2.93
N GLN A 5 12.64 7.82 2.18
CA GLN A 5 12.00 9.12 2.37
C GLN A 5 11.66 9.89 1.10
N GLU A 6 10.37 10.18 0.95
CA GLU A 6 9.87 10.87 -0.21
C GLU A 6 9.98 12.40 -0.11
N SER A 7 10.33 13.03 -1.22
CA SER A 7 10.40 14.51 -1.32
C SER A 7 9.77 15.01 -2.64
N GLY A 8 9.55 16.33 -2.73
CA GLY A 8 9.07 16.98 -3.94
C GLY A 8 8.13 18.09 -3.54
N PRO A 9 7.56 18.82 -4.52
CA PRO A 9 6.60 19.92 -4.21
C PRO A 9 5.26 19.39 -3.66
N SER A 10 4.64 20.13 -2.72
CA SER A 10 3.37 19.70 -2.16
C SER A 10 2.20 20.31 -2.92
N LEU A 11 2.50 21.22 -3.85
CA LEU A 11 1.51 21.81 -4.79
C LEU A 11 1.96 21.83 -6.28
N VAL A 12 1.00 21.63 -7.18
CA VAL A 12 1.26 21.47 -8.60
C VAL A 12 0.04 22.00 -9.38
N LYS A 13 0.29 22.70 -10.49
CA LYS A 13 -0.77 23.14 -11.38
C LYS A 13 -1.02 22.10 -12.46
N PRO A 14 -2.26 22.02 -12.94
CA PRO A 14 -2.56 20.96 -13.88
C PRO A 14 -1.69 21.06 -15.13
N SER A 15 -1.40 19.90 -15.74
CA SER A 15 -0.52 19.78 -16.89
C SER A 15 0.96 19.82 -16.55
N GLN A 16 1.30 20.32 -15.40
CA GLN A 16 2.69 20.28 -14.97
C GLN A 16 3.04 18.80 -14.84
N THR A 17 4.33 18.49 -14.77
CA THR A 17 4.77 17.14 -14.46
C THR A 17 4.86 17.14 -12.96
N LEU A 18 4.65 15.96 -12.37
CA LEU A 18 4.95 15.73 -10.99
C LEU A 18 6.27 15.02 -10.96
N SER A 19 7.18 15.54 -10.16
CA SER A 19 8.44 14.88 -9.95
C SER A 19 8.67 14.72 -8.46
N LEU A 20 8.92 13.46 -8.05
CA LEU A 20 9.21 13.12 -6.66
C LEU A 20 10.42 12.22 -6.61
N THR A 21 11.06 12.25 -5.45
CA THR A 21 12.30 11.54 -5.19
C THR A 21 12.15 10.67 -3.95
N CYS A 22 12.67 9.46 -4.03
CA CYS A 22 12.74 8.60 -2.88
C CYS A 22 14.21 8.38 -2.50
N SER A 23 14.63 8.98 -1.38
CA SER A 23 16.02 8.87 -0.96
C SER A 23 16.09 7.65 -0.07
N VAL A 24 16.71 6.58 -0.55
CA VAL A 24 16.72 5.32 0.17
C VAL A 24 18.03 5.13 0.95
N THR A 25 17.90 4.77 2.22
CA THR A 25 18.96 4.82 3.25
C THR A 25 19.22 3.46 3.94
N GLY A 26 20.20 3.38 4.83
CA GLY A 26 20.44 2.13 5.55
C GLY A 26 21.05 1.02 4.69
N ASP A 27 20.66 -0.21 5.00
CA ASP A 27 21.41 -1.43 4.60
C ASP A 27 21.49 -1.72 3.10
N SER A 28 22.61 -2.32 2.69
CA SER A 28 22.86 -2.75 1.31
C SER A 28 21.91 -3.88 0.88
N VAL A 29 21.54 -3.85 -0.40
CA VAL A 29 20.44 -4.67 -0.90
C VAL A 29 20.81 -5.37 -2.22
N THR A 30 20.67 -6.69 -2.26
CA THR A 30 21.16 -7.54 -3.37
C THR A 30 20.11 -7.95 -4.42
N SER A 31 18.89 -7.41 -4.27
CA SER A 31 17.70 -7.66 -5.11
C SER A 31 16.50 -6.90 -4.51
N GLY A 32 15.32 -7.00 -5.16
CA GLY A 32 14.11 -6.29 -4.69
C GLY A 32 13.51 -5.24 -5.62
N TYR A 33 12.38 -4.64 -5.18
CA TYR A 33 11.57 -3.69 -5.97
C TYR A 33 11.23 -2.48 -5.16
N TRP A 34 11.38 -1.31 -5.76
CA TRP A 34 10.96 -0.07 -5.13
C TRP A 34 9.65 0.32 -5.79
N SER A 35 8.60 0.44 -4.98
CA SER A 35 7.28 0.70 -5.55
C SER A 35 6.78 2.08 -5.17
N TRP A 36 6.05 2.74 -6.05
CA TRP A 36 5.29 3.91 -5.63
C TRP A 36 3.82 3.57 -5.47
N ILE A 37 3.24 4.09 -4.40
CA ILE A 37 1.88 3.83 -4.02
C ILE A 37 1.37 5.20 -3.58
N ARG A 38 0.12 5.51 -3.94
CA ARG A 38 -0.50 6.78 -3.56
C ARG A 38 -1.84 6.55 -2.85
N GLN A 39 -2.18 7.49 -1.96
CA GLN A 39 -3.38 7.34 -1.14
C GLN A 39 -4.22 8.60 -1.25
N PHE A 40 -5.46 8.45 -1.71
CA PHE A 40 -6.31 9.59 -1.99
C PHE A 40 -6.89 10.15 -0.69
N PRO A 41 -7.54 11.35 -0.76
CA PRO A 41 -8.40 11.76 0.34
C PRO A 41 -9.51 10.72 0.46
N GLY A 42 -10.01 10.47 1.67
CA GLY A 42 -10.88 9.32 1.92
C GLY A 42 -10.17 7.97 1.89
N ASN A 43 -8.86 7.98 1.63
CA ASN A 43 -7.96 6.83 1.93
C ASN A 43 -7.92 5.61 1.01
N LYS A 44 -8.44 5.75 -0.21
CA LYS A 44 -8.22 4.73 -1.20
C LYS A 44 -6.72 4.74 -1.63
N LEU A 45 -6.13 3.55 -1.58
CA LEU A 45 -4.74 3.29 -1.92
C LEU A 45 -4.64 2.76 -3.36
N ASP A 46 -3.65 3.31 -4.09
CA ASP A 46 -3.43 3.10 -5.53
C ASP A 46 -2.00 2.65 -5.84
N TYR A 47 -1.87 1.38 -6.28
CA TYR A 47 -0.62 0.86 -6.71
C TYR A 47 -0.23 1.38 -8.09
N MET A 48 0.85 2.17 -8.17
CA MET A 48 1.24 2.89 -9.38
C MET A 48 2.20 2.11 -10.26
N GLY A 49 3.18 1.45 -9.66
CA GLY A 49 4.29 0.84 -10.41
C GLY A 49 5.55 0.58 -9.56
N TYR A 50 6.58 0.04 -10.20
CA TYR A 50 7.80 -0.27 -9.45
C TYR A 50 8.95 -0.19 -10.41
N ILE A 51 10.16 0.02 -9.89
CA ILE A 51 11.38 -0.32 -10.63
C ILE A 51 12.13 -1.40 -9.81
N SER A 52 12.61 -2.46 -10.46
CA SER A 52 13.29 -3.50 -9.71
C SER A 52 14.78 -3.19 -9.47
N TYR A 53 15.48 -4.14 -8.86
CA TYR A 53 16.92 -4.08 -8.61
C TYR A 53 17.73 -4.13 -9.93
N ARG A 54 17.11 -4.74 -10.95
CA ARG A 54 17.72 -4.90 -12.27
C ARG A 54 17.21 -3.84 -13.24
N GLY A 55 16.54 -2.79 -12.75
CA GLY A 55 15.99 -1.70 -13.62
C GLY A 55 14.68 -1.97 -14.35
N SER A 56 14.12 -3.17 -14.17
CA SER A 56 12.79 -3.51 -14.68
C SER A 56 11.74 -2.66 -14.03
N THR A 57 10.82 -2.15 -14.86
CA THR A 57 9.74 -1.32 -14.38
C THR A 57 8.44 -1.99 -14.73
N TYR A 58 7.40 -1.65 -13.99
CA TYR A 58 6.05 -2.11 -14.29
C TYR A 58 5.14 -0.98 -13.89
N TYR A 59 4.21 -0.61 -14.79
CA TYR A 59 3.25 0.46 -14.53
C TYR A 59 1.83 -0.02 -14.58
N ASN A 60 1.00 0.53 -13.69
CA ASN A 60 -0.46 0.35 -13.76
C ASN A 60 -1.09 0.90 -15.08
N PRO A 61 -1.75 0.02 -15.91
CA PRO A 61 -2.29 0.52 -17.19
C PRO A 61 -2.93 1.89 -17.07
N SER A 62 -3.67 2.14 -15.99
CA SER A 62 -4.31 3.43 -15.70
C SER A 62 -3.39 4.66 -15.73
N LEU A 63 -2.10 4.46 -15.81
CA LEU A 63 -1.16 5.55 -15.78
C LEU A 63 -0.18 5.51 -16.96
N LYS A 64 0.13 4.32 -17.40
CA LYS A 64 0.90 4.01 -18.58
C LYS A 64 1.74 5.11 -19.20
N SER A 65 1.10 6.00 -19.90
CA SER A 65 1.80 6.98 -20.66
C SER A 65 2.14 8.27 -19.93
N ARG A 66 1.78 8.38 -18.67
CA ARG A 66 2.07 9.57 -17.87
C ARG A 66 3.25 9.32 -16.93
N ILE A 67 3.52 8.06 -16.63
CA ILE A 67 4.40 7.74 -15.53
C ILE A 67 5.74 7.23 -16.01
N SER A 68 6.78 7.55 -15.25
CA SER A 68 8.00 6.83 -15.34
C SER A 68 8.59 6.74 -13.96
N ILE A 69 9.30 5.64 -13.72
CA ILE A 69 9.95 5.40 -12.47
C ILE A 69 11.35 5.07 -12.87
N THR A 70 12.31 5.81 -12.32
CA THR A 70 13.72 5.72 -12.66
C THR A 70 14.57 5.57 -11.39
N ARG A 71 15.84 5.21 -11.57
CA ARG A 71 16.76 5.06 -10.46
C ARG A 71 18.04 5.87 -10.72
N ASP A 72 18.81 6.04 -9.66
CA ASP A 72 20.09 6.71 -9.66
C ASP A 72 20.84 5.98 -8.54
N THR A 73 21.23 4.75 -8.82
CA THR A 73 21.86 3.93 -7.81
C THR A 73 23.04 4.63 -7.12
N SER A 74 23.75 5.49 -7.86
CA SER A 74 24.87 6.21 -7.28
C SER A 74 24.39 7.20 -6.19
N LYS A 75 23.32 7.94 -6.46
CA LYS A 75 22.77 8.84 -5.45
C LYS A 75 21.86 8.10 -4.41
N ASN A 76 21.84 6.76 -4.48
CA ASN A 76 20.85 5.86 -3.81
C ASN A 76 19.41 6.37 -3.77
N GLN A 77 18.85 6.65 -4.94
CA GLN A 77 17.55 7.32 -5.07
C GLN A 77 16.68 6.68 -6.17
N VAL A 78 15.34 6.70 -5.96
CA VAL A 78 14.29 6.31 -6.92
C VAL A 78 13.29 7.47 -7.17
N TYR A 79 12.85 7.63 -8.40
CA TYR A 79 12.02 8.75 -8.78
C TYR A 79 10.70 8.41 -9.41
N LEU A 80 9.81 9.34 -9.27
CA LEU A 80 8.50 9.25 -9.79
C LEU A 80 8.36 10.48 -10.59
N GLN A 81 7.77 10.35 -11.77
CA GLN A 81 7.51 11.38 -12.71
C GLN A 81 6.17 11.08 -13.32
N LEU A 82 5.30 12.05 -13.32
CA LEU A 82 4.04 11.79 -13.85
C LEU A 82 3.64 13.07 -14.62
N LYS A 83 3.22 12.87 -15.85
CA LYS A 83 2.94 13.94 -16.77
C LYS A 83 1.48 14.28 -16.68
N SER A 84 1.15 15.49 -17.10
CA SER A 84 -0.27 15.96 -17.23
C SER A 84 -1.13 15.71 -16.01
N VAL A 85 -0.67 16.11 -14.83
CA VAL A 85 -1.51 15.95 -13.64
C VAL A 85 -2.75 16.86 -13.65
N SER A 86 -3.80 16.35 -13.00
CA SER A 86 -5.09 16.98 -12.79
C SER A 86 -5.41 16.74 -11.34
N SER A 87 -6.53 17.32 -10.88
CA SER A 87 -7.01 17.20 -9.48
C SER A 87 -7.14 15.74 -8.98
N GLU A 88 -7.62 14.86 -9.85
CA GLU A 88 -7.62 13.39 -9.62
C GLU A 88 -6.28 12.76 -9.14
N ASP A 89 -5.18 13.49 -9.23
CA ASP A 89 -3.85 13.00 -8.82
C ASP A 89 -3.42 13.54 -7.45
N THR A 90 -4.23 14.40 -6.87
CA THR A 90 -4.08 14.85 -5.51
C THR A 90 -4.08 13.61 -4.61
N ALA A 91 -2.94 13.38 -3.93
CA ALA A 91 -2.74 12.19 -3.05
C ALA A 91 -1.57 12.35 -2.11
N THR A 92 -1.45 11.44 -1.18
CA THR A 92 -0.24 11.26 -0.45
C THR A 92 0.47 10.14 -1.12
N TYR A 93 1.72 10.38 -1.49
CA TYR A 93 2.50 9.42 -2.26
C TYR A 93 3.56 8.73 -1.43
N TYR A 94 3.67 7.41 -1.58
CA TYR A 94 4.61 6.64 -0.76
C TYR A 94 5.56 5.84 -1.61
N CYS A 95 6.82 5.73 -1.17
CA CYS A 95 7.69 4.75 -1.76
C CYS A 95 7.87 3.67 -0.75
N SER A 96 8.15 2.47 -1.24
CA SER A 96 8.19 1.31 -0.41
C SER A 96 9.09 0.28 -1.05
N TYR A 97 9.90 -0.37 -0.21
CA TYR A 97 10.83 -1.42 -0.64
C TYR A 97 10.41 -2.80 -0.22
N PHE A 98 10.65 -3.79 -1.05
CA PHE A 98 10.18 -5.16 -0.77
C PHE A 98 11.03 -6.16 -1.48
N ASP A 99 11.35 -7.21 -0.78
CA ASP A 99 12.26 -8.17 -1.31
C ASP A 99 11.50 -9.42 -1.56
N SER A 100 11.35 -9.73 -2.85
CA SER A 100 10.58 -10.91 -3.34
C SER A 100 10.98 -12.21 -2.68
N ASP A 101 12.24 -12.31 -2.27
CA ASP A 101 12.69 -13.42 -1.47
C ASP A 101 12.21 -13.38 -0.02
N ASP A 102 11.83 -12.20 0.47
CA ASP A 102 11.54 -11.95 1.90
C ASP A 102 10.06 -11.55 2.14
N TYR A 103 9.15 -12.44 1.72
CA TYR A 103 7.70 -12.24 1.87
C TYR A 103 7.21 -11.45 3.08
N ALA A 104 7.91 -11.65 4.19
CA ALA A 104 7.49 -11.24 5.53
C ALA A 104 7.69 -9.76 5.87
N MET A 105 8.48 -9.04 5.11
CA MET A 105 8.66 -7.65 5.53
C MET A 105 8.56 -6.65 4.40
N GLU A 106 8.09 -5.45 4.75
CA GLU A 106 7.94 -4.38 3.78
C GLU A 106 8.32 -3.06 4.42
N TYR A 107 8.90 -2.15 3.66
CA TYR A 107 9.36 -0.88 4.21
C TYR A 107 8.59 0.18 3.48
N TRP A 108 8.16 1.19 4.21
CA TRP A 108 7.39 2.27 3.61
C TRP A 108 8.01 3.58 4.00
N GLY A 109 7.81 4.58 3.16
CA GLY A 109 8.22 5.88 3.56
C GLY A 109 7.23 6.60 4.43
N GLN A 110 7.66 7.77 4.88
CA GLN A 110 6.84 8.73 5.61
C GLN A 110 5.60 9.06 4.78
N GLY A 111 5.82 9.30 3.48
CA GLY A 111 4.75 9.73 2.57
C GLY A 111 4.66 11.24 2.40
N THR A 112 4.55 11.71 1.15
CA THR A 112 4.46 13.13 0.86
C THR A 112 3.18 13.50 0.29
N SER A 113 2.71 14.64 0.73
CA SER A 113 1.44 15.17 0.27
C SER A 113 1.67 16.01 -0.95
N VAL A 114 0.76 15.84 -1.90
CA VAL A 114 0.80 16.49 -3.18
C VAL A 114 -0.64 16.84 -3.57
N THR A 115 -0.91 18.15 -3.66
CA THR A 115 -2.19 18.64 -4.16
C THR A 115 -2.06 19.28 -5.55
N VAL A 116 -3.05 19.01 -6.41
CA VAL A 116 -3.10 19.58 -7.76
C VAL A 116 -3.95 20.83 -7.69
N SER A 117 -3.29 21.96 -7.76
CA SER A 117 -3.94 23.23 -7.68
C SER A 117 -4.77 23.51 -8.92
N SER A 127 -6.23 7.85 -20.28
CA SER A 127 -5.85 8.57 -21.50
C SER A 127 -5.38 7.60 -22.55
N GLY A 128 -5.13 6.37 -22.12
CA GLY A 128 -4.71 5.30 -22.98
C GLY A 128 -4.28 4.32 -21.94
N GLY A 129 -4.01 3.09 -22.34
CA GLY A 129 -3.80 2.07 -21.38
C GLY A 129 -4.50 0.81 -21.74
N GLY A 130 -5.52 0.47 -21.00
CA GLY A 130 -6.28 -0.73 -21.23
C GLY A 130 -5.86 -1.85 -20.33
N GLY A 131 -6.74 -2.34 -19.49
CA GLY A 131 -6.40 -3.38 -18.55
C GLY A 131 -7.49 -3.97 -17.70
N SER A 132 -7.13 -4.94 -16.90
CA SER A 132 -8.06 -5.49 -15.93
C SER A 132 -7.46 -5.70 -14.53
N GLN A 133 -8.31 -5.54 -13.52
CA GLN A 133 -7.87 -5.61 -12.17
C GLN A 133 -8.85 -6.27 -11.25
N ILE A 134 -8.33 -6.86 -10.19
CA ILE A 134 -9.18 -7.50 -9.20
C ILE A 134 -9.66 -6.49 -8.18
N VAL A 135 -10.95 -6.46 -7.90
CA VAL A 135 -11.47 -5.55 -6.92
C VAL A 135 -11.53 -6.22 -5.56
N LEU A 136 -11.22 -5.46 -4.55
CA LEU A 136 -11.20 -6.02 -3.20
C LEU A 136 -12.16 -5.19 -2.38
N THR A 137 -13.08 -5.87 -1.72
CA THR A 137 -14.16 -5.20 -1.05
C THR A 137 -14.15 -5.56 0.39
N GLN A 138 -14.17 -4.49 1.16
CA GLN A 138 -14.07 -4.58 2.58
C GLN A 138 -15.27 -3.92 3.11
N SER A 139 -16.04 -4.67 3.89
CA SER A 139 -17.30 -4.23 4.45
C SER A 139 -17.35 -4.83 5.85
N PRO A 140 -17.74 -4.07 6.90
CA PRO A 140 -18.27 -2.69 6.93
C PRO A 140 -17.18 -1.71 6.61
N ALA A 141 -17.56 -0.52 6.13
CA ALA A 141 -16.63 0.58 5.89
C ALA A 141 -16.11 1.07 7.24
N ILE A 142 -16.97 0.98 8.25
CA ILE A 142 -16.74 1.52 9.58
C ILE A 142 -17.34 0.58 10.63
N MET A 143 -16.56 0.37 11.71
CA MET A 143 -16.87 -0.57 12.81
C MET A 143 -16.41 -0.01 14.16
N SER A 144 -17.27 -0.08 15.18
CA SER A 144 -16.89 0.23 16.57
C SER A 144 -17.13 -1.01 17.42
N ALA A 145 -16.08 -1.48 18.10
CA ALA A 145 -16.18 -2.66 18.98
C ALA A 145 -15.68 -2.24 20.34
N SER A 146 -16.08 -2.97 21.38
CA SER A 146 -15.63 -2.69 22.74
C SER A 146 -14.37 -3.47 23.14
N PRO A 147 -13.58 -2.87 24.03
CA PRO A 147 -12.44 -3.52 24.59
C PRO A 147 -12.85 -4.92 24.99
N GLY A 148 -12.27 -5.95 24.41
CA GLY A 148 -12.53 -7.27 24.94
C GLY A 148 -13.26 -8.13 23.95
N GLU A 149 -13.98 -7.46 23.02
CA GLU A 149 -14.81 -8.12 21.99
C GLU A 149 -13.96 -8.81 20.95
N LYS A 150 -14.33 -10.00 20.53
CA LYS A 150 -13.72 -10.65 19.37
C LYS A 150 -14.19 -9.96 18.07
N VAL A 151 -13.22 -9.44 17.29
CA VAL A 151 -13.45 -8.69 16.05
C VAL A 151 -13.00 -9.47 14.82
N THR A 152 -13.83 -9.44 13.80
CA THR A 152 -13.53 -10.12 12.55
C THR A 152 -13.70 -9.09 11.45
N LEU A 153 -12.64 -8.95 10.64
CA LEU A 153 -12.64 -8.07 9.47
C LEU A 153 -12.62 -8.99 8.27
N THR A 154 -13.46 -8.65 7.26
CA THR A 154 -13.47 -9.35 5.97
C THR A 154 -12.97 -8.57 4.74
N CYS A 155 -12.44 -9.35 3.81
CA CYS A 155 -12.01 -8.87 2.52
C CYS A 155 -12.59 -9.84 1.51
N SER A 156 -13.47 -9.35 0.63
CA SER A 156 -13.91 -10.17 -0.50
C SER A 156 -13.30 -9.70 -1.84
N ALA A 157 -12.65 -10.61 -2.58
CA ALA A 157 -12.06 -10.34 -3.91
C ALA A 157 -13.03 -10.63 -5.06
N SER A 158 -12.98 -9.81 -6.12
CA SER A 158 -13.79 -10.03 -7.32
C SER A 158 -13.40 -11.29 -8.13
N SER A 159 -12.14 -11.73 -8.12
CA SER A 159 -11.83 -13.06 -8.67
C SER A 159 -10.85 -13.67 -7.74
N SER A 160 -10.61 -14.96 -7.88
CA SER A 160 -9.69 -15.65 -6.97
C SER A 160 -8.28 -15.03 -6.99
N VAL A 161 -7.63 -15.07 -5.84
CA VAL A 161 -6.23 -14.64 -5.75
C VAL A 161 -5.49 -15.74 -4.97
N SER A 162 -4.18 -15.79 -5.11
CA SER A 162 -3.38 -16.73 -4.36
C SER A 162 -3.36 -16.27 -2.89
N SER A 163 -3.56 -17.24 -2.01
CA SER A 163 -3.65 -17.01 -0.56
C SER A 163 -2.31 -16.53 -0.04
N SER A 164 -1.26 -16.90 -0.76
CA SER A 164 0.08 -16.46 -0.41
C SER A 164 0.35 -14.99 -0.73
N HIS A 165 -0.48 -14.39 -1.59
CA HIS A 165 -0.27 -12.99 -2.01
C HIS A 165 -1.44 -12.09 -1.58
N LEU A 166 -2.20 -12.52 -0.57
CA LEU A 166 -3.18 -11.64 0.07
C LEU A 166 -2.60 -11.20 1.45
N TYR A 167 -2.57 -9.88 1.65
CA TYR A 167 -1.87 -9.22 2.75
C TYR A 167 -2.75 -8.21 3.44
N TRP A 168 -2.46 -7.89 4.70
CA TRP A 168 -3.17 -6.84 5.43
C TRP A 168 -2.27 -5.78 5.98
N TYR A 169 -2.77 -4.55 6.02
CA TYR A 169 -2.05 -3.40 6.56
C TYR A 169 -2.90 -2.70 7.57
N GLN A 170 -2.24 -2.20 8.58
CA GLN A 170 -2.86 -1.32 9.54
C GLN A 170 -2.35 0.04 9.20
N GLN A 171 -3.17 1.08 9.35
CA GLN A 171 -2.62 2.43 9.27
C GLN A 171 -3.22 3.27 10.36
N LYS A 172 -2.45 4.25 10.85
CA LYS A 172 -3.01 5.14 11.85
C LYS A 172 -2.88 6.55 11.38
N PRO A 173 -3.77 7.41 11.86
CA PRO A 173 -3.75 8.85 11.49
C PRO A 173 -2.36 9.45 11.62
N GLY A 174 -1.81 9.93 10.51
CA GLY A 174 -0.54 10.68 10.49
C GLY A 174 0.69 9.85 10.16
N SER A 175 0.46 8.67 9.60
CA SER A 175 1.45 7.62 9.55
C SER A 175 1.17 6.75 8.34
N SER A 176 2.05 5.83 8.03
CA SER A 176 1.93 5.09 6.81
C SER A 176 1.51 3.61 7.00
N PRO A 177 0.90 2.99 5.98
CA PRO A 177 0.43 1.61 6.20
C PRO A 177 1.56 0.74 6.65
N LYS A 178 1.42 0.03 7.76
CA LYS A 178 2.43 -0.95 8.19
C LYS A 178 1.97 -2.34 7.80
N LEU A 179 2.87 -3.22 7.42
CA LEU A 179 2.40 -4.56 7.01
C LEU A 179 2.00 -5.30 8.25
N TRP A 180 0.81 -5.86 8.22
CA TRP A 180 0.23 -6.42 9.42
C TRP A 180 0.17 -7.94 9.34
N ILE A 181 -0.17 -8.45 8.16
CA ILE A 181 -0.28 -9.88 7.94
C ILE A 181 0.21 -10.19 6.55
N TYR A 182 1.01 -11.20 6.42
CA TYR A 182 1.37 -11.62 5.10
C TYR A 182 0.92 -13.03 4.86
N SER A 183 0.70 -13.34 3.60
CA SER A 183 0.23 -14.65 3.13
C SER A 183 -0.93 -15.26 3.89
N THR A 184 -2.00 -14.50 3.97
CA THR A 184 -3.25 -14.81 4.65
C THR A 184 -3.26 -14.88 6.14
N SER A 185 -2.27 -15.51 6.74
CA SER A 185 -2.30 -15.81 8.14
C SER A 185 -0.99 -15.64 8.89
N ASN A 186 0.02 -15.08 8.27
CA ASN A 186 1.29 -14.89 8.93
C ASN A 186 1.37 -13.49 9.50
N LEU A 187 1.59 -13.37 10.80
CA LEU A 187 1.66 -12.05 11.38
C LEU A 187 3.05 -11.54 11.09
N ALA A 188 3.20 -10.22 11.00
CA ALA A 188 4.50 -9.61 10.72
C ALA A 188 5.12 -9.18 12.02
N SER A 189 6.40 -8.82 11.99
CA SER A 189 7.10 -8.26 13.14
C SER A 189 6.39 -7.04 13.67
N GLY A 190 6.28 -6.94 15.00
CA GLY A 190 5.52 -5.88 15.68
C GLY A 190 4.03 -6.15 15.92
N VAL A 191 3.50 -7.26 15.39
CA VAL A 191 2.04 -7.53 15.49
C VAL A 191 1.74 -8.48 16.64
N PRO A 192 0.88 -8.05 17.56
CA PRO A 192 0.56 -8.91 18.72
C PRO A 192 -0.17 -10.15 18.27
N ALA A 193 0.10 -11.29 18.87
CA ALA A 193 -0.47 -12.58 18.43
C ALA A 193 -1.98 -12.79 18.75
N ARG A 194 -2.63 -11.76 19.31
CA ARG A 194 -4.07 -11.74 19.40
C ARG A 194 -4.77 -11.57 18.00
N PHE A 195 -4.01 -11.19 16.98
CA PHE A 195 -4.53 -11.07 15.62
C PHE A 195 -4.33 -12.38 14.87
N SER A 196 -5.22 -12.69 13.94
CA SER A 196 -5.06 -13.87 13.13
C SER A 196 -5.65 -13.59 11.76
N GLY A 197 -5.45 -14.52 10.83
CA GLY A 197 -6.04 -14.37 9.50
C GLY A 197 -6.40 -15.67 8.91
N SER A 198 -7.39 -15.64 8.02
CA SER A 198 -7.75 -16.86 7.33
C SER A 198 -8.52 -16.56 6.04
N GLY A 199 -8.64 -17.59 5.18
CA GLY A 199 -9.48 -17.53 4.00
C GLY A 199 -8.79 -18.09 2.77
N SER A 200 -9.57 -18.23 1.69
CA SER A 200 -9.07 -18.83 0.46
C SER A 200 -9.94 -18.42 -0.73
N GLY A 201 -9.36 -18.39 -1.93
CA GLY A 201 -10.18 -18.02 -3.13
C GLY A 201 -10.56 -16.55 -3.14
N THR A 202 -11.85 -16.24 -3.04
CA THR A 202 -12.29 -14.85 -3.01
C THR A 202 -12.72 -14.33 -1.60
N SER A 203 -12.35 -15.03 -0.54
CA SER A 203 -12.87 -14.68 0.80
C SER A 203 -11.87 -14.82 1.92
N TYR A 204 -11.51 -13.66 2.49
CA TYR A 204 -10.43 -13.57 3.49
C TYR A 204 -10.84 -12.74 4.66
N SER A 205 -10.31 -13.08 5.83
CA SER A 205 -10.62 -12.31 7.04
C SER A 205 -9.42 -12.13 7.93
N LEU A 206 -9.42 -11.00 8.67
CA LEU A 206 -8.52 -10.69 9.80
C LEU A 206 -9.35 -10.75 11.11
N THR A 207 -8.78 -11.30 12.17
CA THR A 207 -9.44 -11.54 13.44
C THR A 207 -8.59 -10.94 14.57
N ILE A 208 -9.24 -10.31 15.55
CA ILE A 208 -8.61 -9.92 16.78
C ILE A 208 -9.31 -10.64 17.94
N SER A 209 -8.64 -11.60 18.57
CA SER A 209 -9.34 -12.40 19.57
C SER A 209 -9.83 -11.49 20.67
N SER A 210 -9.09 -10.43 21.00
CA SER A 210 -9.51 -9.56 22.10
C SER A 210 -9.15 -8.11 21.86
N MET A 211 -10.14 -7.34 21.46
CA MET A 211 -9.93 -5.99 20.98
C MET A 211 -9.30 -5.18 22.08
N GLU A 212 -8.19 -4.51 21.77
CA GLU A 212 -7.63 -3.56 22.73
C GLU A 212 -7.72 -2.16 22.16
N ALA A 213 -7.77 -1.16 23.02
CA ALA A 213 -7.80 0.25 22.58
C ALA A 213 -6.79 0.57 21.45
N GLU A 214 -5.58 0.02 21.54
CA GLU A 214 -4.51 0.29 20.60
C GLU A 214 -4.75 -0.32 19.23
N ASP A 215 -5.78 -1.12 19.05
CA ASP A 215 -5.95 -1.78 17.76
C ASP A 215 -6.82 -1.00 16.78
N ALA A 216 -7.48 0.04 17.30
CA ALA A 216 -8.31 0.92 16.48
C ALA A 216 -7.39 1.68 15.53
N ALA A 217 -7.73 1.63 14.24
CA ALA A 217 -6.87 2.02 13.14
C ALA A 217 -7.67 1.69 11.89
N SER A 218 -7.14 1.95 10.68
CA SER A 218 -7.81 1.40 9.48
C SER A 218 -7.15 0.06 9.12
N TYR A 219 -7.88 -0.88 8.50
CA TYR A 219 -7.24 -2.08 7.93
C TYR A 219 -7.52 -2.18 6.44
N PHE A 220 -6.47 -2.43 5.64
CA PHE A 220 -6.60 -2.61 4.19
C PHE A 220 -6.12 -4.03 3.82
N CYS A 221 -6.92 -4.76 3.05
CA CYS A 221 -6.40 -6.00 2.49
C CYS A 221 -5.74 -5.57 1.21
N HIS A 222 -5.00 -6.45 0.61
CA HIS A 222 -4.20 -6.16 -0.57
C HIS A 222 -3.86 -7.46 -1.22
N GLN A 223 -3.74 -7.43 -2.50
CA GLN A 223 -3.63 -8.56 -3.36
C GLN A 223 -2.47 -8.20 -4.28
N TRP A 224 -1.52 -9.07 -4.46
CA TRP A 224 -0.49 -8.90 -5.45
C TRP A 224 -0.25 -10.22 -6.22
N SER A 225 -1.28 -11.03 -6.28
CA SER A 225 -1.29 -12.28 -7.00
C SER A 225 -1.47 -12.01 -8.51
N SER A 226 -1.99 -10.82 -8.83
CA SER A 226 -2.38 -10.42 -10.19
C SER A 226 -2.13 -8.91 -10.44
N PHE A 227 -1.66 -8.59 -11.64
CA PHE A 227 -1.25 -7.22 -11.99
C PHE A 227 -2.42 -6.42 -12.59
N PRO A 228 -2.58 -5.13 -12.19
CA PRO A 228 -1.81 -4.45 -11.10
C PRO A 228 -2.24 -4.91 -9.71
N PHE A 229 -1.44 -4.69 -8.71
CA PHE A 229 -1.85 -5.05 -7.43
C PHE A 229 -2.87 -4.03 -6.99
N THR A 230 -3.75 -4.43 -6.09
CA THR A 230 -4.81 -3.54 -5.68
C THR A 230 -5.00 -3.59 -4.20
N PHE A 231 -5.59 -2.53 -3.69
CA PHE A 231 -5.96 -2.49 -2.30
C PHE A 231 -7.49 -2.47 -2.13
N GLY A 232 -7.96 -2.96 -0.99
CA GLY A 232 -9.37 -2.77 -0.63
C GLY A 232 -9.68 -1.34 -0.13
N SER A 233 -10.96 -1.03 -0.22
CA SER A 233 -11.52 0.26 0.18
C SER A 233 -11.27 0.63 1.67
N GLY A 234 -10.97 -0.39 2.50
CA GLY A 234 -10.58 -0.22 3.93
C GLY A 234 -11.72 -0.35 4.94
N THR A 235 -11.45 -0.95 6.11
CA THR A 235 -12.40 -0.90 7.24
C THR A 235 -11.81 -0.02 8.32
N LYS A 236 -12.45 1.08 8.67
CA LYS A 236 -11.97 1.84 9.80
C LYS A 236 -12.52 1.25 11.10
N LEU A 237 -11.60 0.91 12.03
CA LEU A 237 -11.96 0.23 13.26
C LEU A 237 -11.84 1.13 14.50
N GLU A 238 -12.94 1.38 15.17
CA GLU A 238 -13.01 2.29 16.29
C GLU A 238 -13.33 1.60 17.59
N ILE A 239 -13.12 2.30 18.67
CA ILE A 239 -13.42 1.78 19.99
C ILE A 239 -14.65 2.44 20.47
N LYS A 240 -15.35 1.79 21.37
CA LYS A 240 -16.57 2.33 21.90
C LYS A 240 -16.48 3.04 23.25
N ARG A 241 -16.86 4.32 23.27
CA ARG A 241 -17.25 5.14 24.45
C ARG A 241 -16.30 6.15 25.07
#